data_3STI
#
_entry.id   3STI
#
_cell.length_a   70.868
_cell.length_b   70.868
_cell.length_c   152.013
_cell.angle_alpha   90.00
_cell.angle_beta   90.00
_cell.angle_gamma   120.00
#
_symmetry.space_group_name_H-M   'P 31'
#
_entity_poly.entity_id   1
_entity_poly.type   'polypeptide(L)'
_entity_poly.pdbx_seq_one_letter_code
;SIPGQVADQAPLPSLAPMLEKVLPAVVSVRVEGTASQGQKIPEEFKKFFGDDLPDQPAQPFEGLGSGVIINASKGYVLTN
NHVINQAQKISIQLNDGREFDAKLIGSDDQSDIALLQIQNPSKLTQIAIADSDKLRVGDFAVAVGNPFGLGQTATSGIVS
ALGRSGLNLEGLENFIQTDASINRGNSGGALLNLNGELIGINTAILAPGGGSVGIGFAIPSNMARTLAQQLIDFGEILEH
HHHHH
;
_entity_poly.pdbx_strand_id   A,B,C
#
# COMPACT_ATOMS: atom_id res chain seq x y z
N PRO A 11 0.42 8.16 23.51
CA PRO A 11 -0.76 7.93 22.66
C PRO A 11 -0.41 8.01 21.17
N LEU A 12 -0.70 6.93 20.43
CA LEU A 12 -0.38 6.81 19.01
C LEU A 12 -1.58 7.10 18.12
N PRO A 13 -1.39 7.77 16.94
CA PRO A 13 -2.51 7.91 16.01
C PRO A 13 -2.82 6.54 15.38
N SER A 14 -4.12 6.32 15.08
CA SER A 14 -4.60 5.06 14.54
C SER A 14 -5.89 5.27 13.76
N LEU A 15 -6.25 4.28 12.92
CA LEU A 15 -7.51 4.29 12.16
C LEU A 15 -8.57 3.48 12.93
N ALA A 16 -8.15 2.82 14.03
CA ALA A 16 -8.99 2.01 14.90
C ALA A 16 -10.12 2.82 15.58
N PRO A 17 -9.92 4.08 16.06
CA PRO A 17 -11.05 4.82 16.65
C PRO A 17 -12.22 5.07 15.70
N MET A 18 -11.97 5.27 14.41
CA MET A 18 -13.10 5.49 13.50
C MET A 18 -13.71 4.15 13.04
N LEU A 19 -12.86 3.09 12.95
CA LEU A 19 -13.25 1.75 12.51
C LEU A 19 -14.20 1.06 13.51
N GLU A 20 -14.14 1.44 14.78
CA GLU A 20 -14.98 0.84 15.82
C GLU A 20 -16.42 1.34 15.74
N LYS A 21 -16.65 2.61 15.41
CA LYS A 21 -18.00 3.18 15.28
C LYS A 21 -18.75 2.66 14.04
N VAL A 22 -18.01 2.27 13.01
CA VAL A 22 -18.50 1.79 11.71
C VAL A 22 -18.76 0.26 11.70
N LEU A 23 -18.09 -0.48 12.59
CA LEU A 23 -18.15 -1.94 12.77
C LEU A 23 -19.58 -2.55 12.66
N PRO A 24 -20.63 -2.10 13.41
CA PRO A 24 -21.95 -2.77 13.30
C PRO A 24 -22.66 -2.62 11.94
N ALA A 25 -22.35 -1.58 11.15
CA ALA A 25 -22.96 -1.30 9.84
C ALA A 25 -22.44 -2.21 8.70
N VAL A 26 -21.32 -2.92 8.93
CA VAL A 26 -20.68 -3.81 7.97
C VAL A 26 -21.00 -5.23 8.38
N VAL A 27 -21.54 -5.99 7.43
CA VAL A 27 -22.07 -7.33 7.71
C VAL A 27 -21.41 -8.42 6.90
N SER A 28 -21.58 -9.65 7.39
CA SER A 28 -21.18 -10.87 6.69
C SER A 28 -22.35 -11.25 5.79
N VAL A 29 -22.12 -11.69 4.53
CA VAL A 29 -23.21 -12.04 3.61
C VAL A 29 -23.10 -13.53 3.23
N LEU A 64 -19.45 -16.29 -0.40
CA LEU A 64 -18.99 -15.54 0.78
C LEU A 64 -18.55 -14.10 0.44
N GLY A 65 -19.03 -13.13 1.22
CA GLY A 65 -18.71 -11.73 1.06
C GLY A 65 -19.16 -10.83 2.19
N SER A 66 -19.07 -9.51 1.95
CA SER A 66 -19.43 -8.44 2.89
C SER A 66 -20.63 -7.63 2.34
N GLY A 67 -21.15 -6.77 3.17
CA GLY A 67 -22.31 -5.96 2.83
C GLY A 67 -22.41 -4.81 3.79
N VAL A 68 -23.22 -3.83 3.44
CA VAL A 68 -23.30 -2.61 4.23
C VAL A 68 -24.75 -2.27 4.50
N ILE A 69 -25.07 -1.95 5.77
CA ILE A 69 -26.42 -1.55 6.14
C ILE A 69 -26.58 -0.08 5.76
N ILE A 70 -27.49 0.19 4.81
CA ILE A 70 -27.78 1.54 4.31
C ILE A 70 -29.01 2.10 5.08
N ASN A 71 -30.09 1.30 5.27
CA ASN A 71 -31.28 1.71 6.05
C ASN A 71 -31.54 0.69 7.18
N ALA A 72 -31.30 1.12 8.44
CA ALA A 72 -31.47 0.30 9.67
C ALA A 72 -32.95 -0.13 9.91
N SER A 73 -33.91 0.79 9.73
CA SER A 73 -35.34 0.55 9.92
C SER A 73 -35.88 -0.47 8.94
N LYS A 74 -35.57 -0.34 7.63
CA LYS A 74 -36.05 -1.26 6.59
C LYS A 74 -35.13 -2.48 6.41
N GLY A 75 -33.91 -2.40 6.93
CA GLY A 75 -32.92 -3.47 6.87
C GLY A 75 -32.28 -3.65 5.52
N TYR A 76 -32.15 -2.55 4.75
CA TYR A 76 -31.61 -2.59 3.39
C TYR A 76 -30.09 -2.71 3.44
N VAL A 77 -29.55 -3.74 2.80
CA VAL A 77 -28.12 -4.02 2.82
C VAL A 77 -27.58 -4.05 1.38
N LEU A 78 -26.53 -3.24 1.13
CA LEU A 78 -25.85 -3.20 -0.16
C LEU A 78 -24.65 -4.17 -0.16
N THR A 79 -24.54 -4.99 -1.21
CA THR A 79 -23.47 -5.97 -1.40
C THR A 79 -23.16 -6.11 -2.91
N ASN A 80 -22.28 -7.05 -3.25
CA ASN A 80 -21.88 -7.30 -4.62
C ASN A 80 -22.79 -8.34 -5.22
N ASN A 81 -23.26 -8.07 -6.45
CA ASN A 81 -24.10 -8.99 -7.18
C ASN A 81 -23.40 -10.36 -7.39
N HIS A 82 -22.06 -10.35 -7.65
CA HIS A 82 -21.30 -11.57 -7.89
C HIS A 82 -21.25 -12.49 -6.63
N VAL A 83 -21.34 -11.94 -5.39
CA VAL A 83 -21.31 -12.76 -4.17
C VAL A 83 -22.68 -13.43 -3.95
N ILE A 84 -23.77 -12.93 -4.59
CA ILE A 84 -25.14 -13.45 -4.49
C ILE A 84 -25.38 -14.54 -5.55
N LYS A 89 -31.07 -18.96 -1.42
CA LYS A 89 -31.14 -18.59 0.00
C LYS A 89 -29.89 -17.79 0.44
N ILE A 90 -30.10 -16.61 1.04
CA ILE A 90 -29.06 -15.68 1.51
C ILE A 90 -29.23 -15.44 3.01
N SER A 91 -28.12 -15.53 3.77
CA SER A 91 -28.13 -15.25 5.20
C SER A 91 -27.09 -14.16 5.51
N ILE A 92 -27.42 -13.24 6.44
CA ILE A 92 -26.51 -12.16 6.82
C ILE A 92 -26.13 -12.35 8.30
N GLN A 93 -24.87 -12.05 8.64
CA GLN A 93 -24.38 -12.19 10.00
C GLN A 93 -23.81 -10.87 10.49
N LEU A 94 -24.34 -10.40 11.62
CA LEU A 94 -23.89 -9.15 12.23
C LEU A 94 -22.58 -9.37 13.01
N ASN A 95 -21.91 -8.26 13.41
CA ASN A 95 -20.68 -8.29 14.20
C ASN A 95 -20.94 -9.01 15.53
N ASP A 96 -22.09 -8.73 16.20
CA ASP A 96 -22.50 -9.30 17.49
C ASP A 96 -22.90 -10.80 17.43
N GLY A 97 -22.78 -11.41 16.26
CA GLY A 97 -23.06 -12.82 16.05
C GLY A 97 -24.46 -13.16 15.56
N ARG A 98 -25.40 -12.19 15.65
CA ARG A 98 -26.79 -12.36 15.22
C ARG A 98 -26.87 -12.70 13.73
N GLU A 99 -27.64 -13.73 13.42
CA GLU A 99 -27.82 -14.18 12.03
C GLU A 99 -29.28 -14.02 11.63
N PHE A 100 -29.49 -13.42 10.44
CA PHE A 100 -30.78 -13.08 9.85
C PHE A 100 -30.93 -13.64 8.44
N ASP A 101 -32.18 -13.88 8.02
CA ASP A 101 -32.51 -14.26 6.66
C ASP A 101 -32.54 -13.00 5.84
N ALA A 102 -32.23 -13.10 4.54
CA ALA A 102 -32.25 -11.93 3.66
C ALA A 102 -32.78 -12.28 2.29
N LYS A 103 -33.63 -11.41 1.74
CA LYS A 103 -34.22 -11.63 0.44
C LYS A 103 -33.61 -10.69 -0.58
N LEU A 104 -33.39 -11.19 -1.79
CA LEU A 104 -32.86 -10.41 -2.89
C LEU A 104 -33.98 -9.54 -3.45
N ILE A 105 -33.82 -8.22 -3.32
CA ILE A 105 -34.75 -7.23 -3.84
C ILE A 105 -34.51 -7.07 -5.36
N GLY A 106 -33.25 -6.88 -5.74
CA GLY A 106 -32.82 -6.71 -7.12
C GLY A 106 -31.32 -6.51 -7.26
N SER A 107 -30.82 -6.68 -8.48
CA SER A 107 -29.39 -6.53 -8.75
C SER A 107 -29.12 -5.79 -10.06
N ASP A 108 -27.90 -5.29 -10.21
CA ASP A 108 -27.41 -4.60 -11.40
C ASP A 108 -26.06 -5.20 -11.78
N ASP A 109 -26.05 -6.03 -12.83
CA ASP A 109 -24.86 -6.73 -13.34
C ASP A 109 -23.75 -5.75 -13.74
N GLN A 110 -24.11 -4.62 -14.39
CA GLN A 110 -23.18 -3.58 -14.87
C GLN A 110 -22.43 -2.88 -13.72
N SER A 111 -23.09 -2.61 -12.60
CA SER A 111 -22.42 -1.95 -11.47
C SER A 111 -21.99 -2.96 -10.42
N ASP A 112 -22.28 -4.26 -10.61
CA ASP A 112 -21.97 -5.31 -9.62
C ASP A 112 -22.57 -4.93 -8.22
N ILE A 113 -23.81 -4.41 -8.21
CA ILE A 113 -24.52 -4.01 -7.01
C ILE A 113 -25.76 -4.88 -6.82
N ALA A 114 -26.02 -5.30 -5.59
CA ALA A 114 -27.20 -6.09 -5.20
C ALA A 114 -27.73 -5.56 -3.90
N LEU A 115 -29.04 -5.32 -3.82
CA LEU A 115 -29.70 -4.79 -2.63
C LEU A 115 -30.54 -5.91 -2.00
N LEU A 116 -30.31 -6.14 -0.71
CA LEU A 116 -30.97 -7.17 0.07
C LEU A 116 -31.77 -6.55 1.18
N GLN A 117 -32.88 -7.19 1.54
CA GLN A 117 -33.69 -6.75 2.68
C GLN A 117 -33.65 -7.81 3.77
N ILE A 118 -33.24 -7.41 4.98
CA ILE A 118 -33.16 -8.25 6.15
C ILE A 118 -34.57 -8.60 6.60
N GLN A 119 -34.84 -9.90 6.67
CA GLN A 119 -36.12 -10.46 7.13
C GLN A 119 -36.21 -10.23 8.63
N ASN A 120 -37.28 -9.55 9.08
CA ASN A 120 -37.57 -9.20 10.48
C ASN A 120 -36.36 -8.48 11.11
N PRO A 121 -36.06 -7.21 10.73
CA PRO A 121 -34.90 -6.52 11.32
C PRO A 121 -35.17 -5.97 12.73
N SER A 122 -34.09 -5.77 13.50
CA SER A 122 -34.12 -5.23 14.87
C SER A 122 -32.72 -4.82 15.31
N LYS A 123 -32.62 -3.71 16.08
CA LYS A 123 -31.39 -3.17 16.67
C LYS A 123 -30.23 -3.11 15.65
N LEU A 124 -30.50 -2.54 14.47
CA LEU A 124 -29.48 -2.41 13.42
C LEU A 124 -28.88 -1.03 13.42
N THR A 125 -27.58 -0.96 13.15
CA THR A 125 -26.84 0.29 13.02
C THR A 125 -26.55 0.47 11.52
N GLN A 126 -26.95 1.62 10.98
CA GLN A 126 -26.76 1.96 9.57
C GLN A 126 -25.54 2.86 9.40
N ILE A 127 -24.96 2.88 8.19
CA ILE A 127 -23.78 3.71 7.92
C ILE A 127 -24.19 5.11 7.46
N ALA A 128 -23.35 6.11 7.78
CA ALA A 128 -23.50 7.47 7.27
C ALA A 128 -22.96 7.45 5.86
N ILE A 129 -23.62 8.14 4.91
CA ILE A 129 -23.21 8.13 3.51
C ILE A 129 -22.73 9.53 3.12
N ALA A 130 -21.61 9.60 2.37
CA ALA A 130 -21.01 10.84 1.91
C ALA A 130 -21.26 11.06 0.43
N ASP A 131 -21.19 12.34 0.00
CA ASP A 131 -21.37 12.70 -1.41
C ASP A 131 -20.08 12.37 -2.21
N SER A 132 -20.12 11.28 -2.98
CA SER A 132 -19.01 10.79 -3.81
C SER A 132 -18.63 11.75 -4.96
N ASP A 133 -19.48 12.74 -5.27
CA ASP A 133 -19.21 13.76 -6.29
C ASP A 133 -18.12 14.73 -5.78
N LYS A 134 -18.00 14.86 -4.45
CA LYS A 134 -17.03 15.74 -3.79
C LYS A 134 -15.65 15.08 -3.65
N LEU A 135 -15.49 13.81 -4.14
CA LEU A 135 -14.23 13.11 -4.04
C LEU A 135 -13.21 13.68 -4.98
N ARG A 136 -11.95 13.71 -4.52
CA ARG A 136 -10.78 14.19 -5.29
C ARG A 136 -9.67 13.16 -5.20
N VAL A 137 -8.91 12.96 -6.30
CA VAL A 137 -7.73 12.06 -6.32
C VAL A 137 -6.77 12.59 -5.26
N GLY A 138 -6.37 11.70 -4.35
CA GLY A 138 -5.53 12.07 -3.22
C GLY A 138 -6.22 11.98 -1.88
N ASP A 139 -7.58 11.94 -1.89
CA ASP A 139 -8.35 11.79 -0.64
C ASP A 139 -8.10 10.41 -0.05
N PHE A 140 -8.01 10.31 1.27
CA PHE A 140 -7.71 9.04 1.94
C PHE A 140 -8.95 8.14 1.96
N ALA A 141 -8.72 6.83 1.67
CA ALA A 141 -9.77 5.81 1.63
C ALA A 141 -9.37 4.59 2.47
N VAL A 142 -10.34 4.02 3.17
CA VAL A 142 -10.20 2.82 4.02
C VAL A 142 -11.27 1.78 3.53
N ALA A 143 -10.84 0.60 3.10
CA ALA A 143 -11.75 -0.45 2.61
C ALA A 143 -12.04 -1.50 3.72
N VAL A 144 -13.27 -1.51 4.26
CA VAL A 144 -13.59 -2.40 5.38
C VAL A 144 -14.50 -3.57 5.01
N GLY A 145 -14.23 -4.67 5.67
CA GLY A 145 -14.99 -5.90 5.51
C GLY A 145 -15.16 -6.64 6.82
N ASN A 146 -15.99 -7.68 6.78
CA ASN A 146 -16.22 -8.59 7.89
C ASN A 146 -16.75 -9.90 7.32
N PRO A 147 -15.94 -10.65 6.53
CA PRO A 147 -16.44 -11.96 6.03
C PRO A 147 -16.47 -12.95 7.21
N PHE A 148 -17.55 -13.75 7.25
CA PHE A 148 -17.96 -14.73 8.27
C PHE A 148 -18.03 -14.19 9.74
N GLY A 149 -18.29 -12.88 9.91
CA GLY A 149 -18.47 -12.25 11.23
C GLY A 149 -17.38 -12.43 12.28
N LEU A 150 -16.30 -13.20 11.98
CA LEU A 150 -15.16 -13.49 12.86
C LEU A 150 -14.31 -12.25 13.24
N GLY A 151 -14.48 -11.15 12.51
CA GLY A 151 -13.75 -9.92 12.76
C GLY A 151 -13.56 -9.04 11.54
N GLN A 152 -13.33 -7.76 11.82
CA GLN A 152 -13.14 -6.67 10.85
C GLN A 152 -11.83 -6.82 10.06
N THR A 153 -11.91 -6.52 8.75
CA THR A 153 -10.77 -6.51 7.82
C THR A 153 -10.72 -5.12 7.24
N ALA A 154 -9.56 -4.49 7.25
CA ALA A 154 -9.45 -3.15 6.72
C ALA A 154 -8.18 -2.98 5.92
N THR A 155 -8.25 -2.24 4.82
CA THR A 155 -7.09 -1.85 4.03
C THR A 155 -7.13 -0.34 3.94
N SER A 156 -5.97 0.28 3.74
CA SER A 156 -5.87 1.72 3.68
C SER A 156 -5.15 2.20 2.41
N GLY A 157 -5.47 3.41 1.99
CA GLY A 157 -4.87 4.01 0.82
C GLY A 157 -5.49 5.35 0.49
N ILE A 158 -5.44 5.69 -0.81
CA ILE A 158 -5.98 6.95 -1.34
C ILE A 158 -6.91 6.68 -2.53
N VAL A 159 -7.73 7.69 -2.89
CA VAL A 159 -8.56 7.70 -4.12
C VAL A 159 -7.52 7.92 -5.22
N SER A 160 -7.30 6.91 -6.08
CA SER A 160 -6.24 6.93 -7.09
C SER A 160 -6.65 7.56 -8.43
N ALA A 161 -7.84 7.23 -8.93
CA ALA A 161 -8.37 7.73 -10.20
C ALA A 161 -9.92 7.71 -10.20
N LEU A 162 -10.54 8.53 -11.10
CA LEU A 162 -12.01 8.65 -11.20
C LEU A 162 -12.59 8.35 -12.60
N GLY A 163 -12.78 9.39 -13.41
CA GLY A 163 -13.45 9.33 -14.71
C GLY A 163 -12.81 8.52 -15.83
N ARG A 164 -12.47 7.21 -15.57
CA ARG A 164 -11.85 6.26 -16.51
C ARG A 164 -10.35 6.62 -16.77
N SER A 165 -9.78 7.50 -15.92
CA SER A 165 -8.43 8.08 -15.97
C SER A 165 -7.26 7.08 -15.79
N GLY A 166 -7.50 5.98 -15.09
CA GLY A 166 -6.49 4.98 -14.78
C GLY A 166 -6.37 3.82 -15.76
N LEU A 167 -7.48 3.48 -16.44
CA LEU A 167 -7.60 2.42 -17.44
C LEU A 167 -8.66 2.87 -18.49
N ASN A 168 -8.24 3.10 -19.74
CA ASN A 168 -9.14 3.58 -20.80
C ASN A 168 -10.04 2.44 -21.30
N LEU A 169 -10.83 1.85 -20.38
CA LEU A 169 -11.73 0.75 -20.70
C LEU A 169 -13.16 1.22 -20.52
N GLU A 170 -14.00 1.03 -21.53
CA GLU A 170 -15.41 1.41 -21.46
C GLU A 170 -16.10 0.61 -20.36
N GLY A 171 -16.85 1.32 -19.53
CA GLY A 171 -17.58 0.72 -18.42
C GLY A 171 -17.03 1.05 -17.05
N LEU A 172 -15.81 1.62 -17.04
CA LEU A 172 -15.13 2.00 -15.81
C LEU A 172 -15.39 3.46 -15.47
N GLU A 173 -16.08 4.17 -16.38
CA GLU A 173 -16.47 5.60 -16.28
C GLU A 173 -17.32 5.89 -15.01
N ASN A 174 -18.03 4.90 -14.48
CA ASN A 174 -18.84 5.15 -13.32
C ASN A 174 -18.10 4.82 -12.00
N PHE A 175 -17.11 3.88 -12.01
CA PHE A 175 -16.34 3.37 -10.87
C PHE A 175 -15.24 4.31 -10.33
N ILE A 176 -14.72 3.97 -9.12
CA ILE A 176 -13.62 4.63 -8.41
C ILE A 176 -12.41 3.72 -8.33
N GLN A 177 -11.22 4.30 -8.50
CA GLN A 177 -9.96 3.59 -8.34
C GLN A 177 -9.32 3.98 -7.01
N THR A 178 -8.71 2.99 -6.36
CA THR A 178 -8.05 3.14 -5.07
C THR A 178 -6.78 2.24 -5.04
N ASP A 179 -5.77 2.65 -4.27
CA ASP A 179 -4.53 1.87 -4.10
C ASP A 179 -4.63 1.04 -2.80
N ALA A 180 -5.77 1.16 -2.11
CA ALA A 180 -6.17 0.36 -0.96
C ALA A 180 -6.55 -1.00 -1.52
N SER A 181 -5.98 -2.08 -0.99
CA SER A 181 -6.22 -3.44 -1.49
C SER A 181 -7.70 -3.87 -1.38
N ILE A 182 -8.25 -4.27 -2.52
CA ILE A 182 -9.62 -4.76 -2.65
C ILE A 182 -9.50 -6.25 -2.98
N ASN A 183 -9.89 -7.09 -2.03
CA ASN A 183 -9.80 -8.54 -2.16
C ASN A 183 -11.10 -9.18 -1.69
N ARG A 184 -11.18 -10.53 -1.75
CA ARG A 184 -12.36 -11.33 -1.34
C ARG A 184 -12.81 -11.08 0.10
N GLY A 185 -11.90 -10.53 0.92
CA GLY A 185 -12.14 -10.21 2.32
C GLY A 185 -12.82 -8.88 2.61
N ASN A 186 -12.97 -8.01 1.61
CA ASN A 186 -13.66 -6.73 1.85
C ASN A 186 -14.62 -6.41 0.67
N SER A 187 -14.63 -7.26 -0.36
CA SER A 187 -15.50 -7.16 -1.53
C SER A 187 -16.99 -7.30 -1.08
N GLY A 188 -17.77 -6.24 -1.32
CA GLY A 188 -19.16 -6.11 -0.94
C GLY A 188 -19.30 -5.11 0.19
N GLY A 189 -18.19 -4.93 0.90
CA GLY A 189 -18.08 -4.04 2.05
C GLY A 189 -17.99 -2.58 1.67
N ALA A 190 -17.66 -1.77 2.66
CA ALA A 190 -17.60 -0.33 2.52
C ALA A 190 -16.22 0.23 2.20
N LEU A 191 -16.21 1.27 1.36
CA LEU A 191 -15.08 2.13 1.10
C LEU A 191 -15.43 3.40 1.88
N LEU A 192 -14.58 3.75 2.83
CA LEU A 192 -14.87 4.86 3.73
C LEU A 192 -13.84 5.98 3.66
N ASN A 193 -14.25 7.18 4.14
CA ASN A 193 -13.33 8.28 4.28
C ASN A 193 -12.87 8.25 5.74
N LEU A 194 -12.07 9.23 6.17
CA LEU A 194 -11.53 9.31 7.53
C LEU A 194 -12.63 9.66 8.58
N ASN A 195 -13.86 10.05 8.12
CA ASN A 195 -14.97 10.35 9.01
C ASN A 195 -15.82 9.09 9.31
N GLY A 196 -15.61 8.05 8.51
CA GLY A 196 -16.32 6.78 8.62
C GLY A 196 -17.59 6.73 7.81
N GLU A 197 -17.70 7.65 6.82
CA GLU A 197 -18.85 7.78 5.93
C GLU A 197 -18.58 7.04 4.63
N LEU A 198 -19.62 6.35 4.10
CA LEU A 198 -19.53 5.56 2.88
C LEU A 198 -19.25 6.43 1.64
N ILE A 199 -18.18 6.08 0.90
CA ILE A 199 -17.76 6.74 -0.34
C ILE A 199 -17.86 5.75 -1.50
N GLY A 200 -18.07 4.47 -1.18
CA GLY A 200 -18.22 3.43 -2.19
C GLY A 200 -18.39 2.02 -1.67
N ILE A 201 -18.66 1.07 -2.57
CA ILE A 201 -18.84 -0.34 -2.25
C ILE A 201 -17.75 -1.11 -2.99
N ASN A 202 -16.90 -1.81 -2.24
CA ASN A 202 -15.77 -2.56 -2.79
C ASN A 202 -16.22 -3.67 -3.76
N THR A 203 -15.58 -3.76 -4.94
CA THR A 203 -15.84 -4.82 -5.89
C THR A 203 -14.51 -5.33 -6.40
N ALA A 204 -14.22 -6.58 -6.08
CA ALA A 204 -12.99 -7.26 -6.42
C ALA A 204 -13.01 -7.92 -7.78
N ILE A 205 -14.19 -8.18 -8.42
CA ILE A 205 -14.20 -8.93 -9.70
C ILE A 205 -13.48 -8.22 -10.88
N LEU A 206 -13.45 -6.89 -10.90
CA LEU A 206 -12.84 -6.12 -11.99
C LEU A 206 -11.31 -6.12 -11.94
N VAL A 213 -0.34 -5.02 -6.82
CA VAL A 213 -0.45 -3.70 -7.47
C VAL A 213 -1.72 -2.94 -7.02
N GLY A 214 -1.56 -1.65 -6.77
CA GLY A 214 -2.61 -0.74 -6.31
C GLY A 214 -3.74 -0.42 -7.27
N ILE A 215 -4.42 -1.42 -7.81
CA ILE A 215 -5.57 -1.22 -8.69
C ILE A 215 -6.80 -1.87 -8.02
N GLY A 216 -7.54 -1.06 -7.27
CA GLY A 216 -8.77 -1.51 -6.64
C GLY A 216 -9.95 -0.72 -7.12
N PHE A 217 -11.15 -1.37 -7.20
CA PHE A 217 -12.35 -0.68 -7.68
C PHE A 217 -13.46 -0.67 -6.65
N ALA A 218 -14.27 0.39 -6.70
CA ALA A 218 -15.42 0.63 -5.83
C ALA A 218 -16.52 1.39 -6.57
N ILE A 219 -17.76 0.98 -6.30
CA ILE A 219 -18.93 1.65 -6.85
C ILE A 219 -19.12 2.91 -6.00
N PRO A 220 -19.10 4.14 -6.58
CA PRO A 220 -19.30 5.34 -5.73
C PRO A 220 -20.65 5.32 -5.01
N SER A 221 -20.68 5.92 -3.78
CA SER A 221 -21.83 5.97 -2.89
C SER A 221 -23.11 6.56 -3.55
N ASN A 222 -22.98 7.67 -4.33
CA ASN A 222 -24.11 8.34 -5.02
C ASN A 222 -24.80 7.41 -5.99
N MET A 223 -24.04 6.64 -6.77
CA MET A 223 -24.57 5.69 -7.72
C MET A 223 -25.22 4.48 -7.03
N ALA A 224 -24.54 3.95 -5.99
CA ALA A 224 -25.01 2.82 -5.19
C ALA A 224 -26.33 3.17 -4.50
N ARG A 225 -26.51 4.45 -4.03
CA ARG A 225 -27.74 4.94 -3.41
C ARG A 225 -28.87 5.03 -4.43
N THR A 226 -28.58 5.63 -5.60
CA THR A 226 -29.50 5.79 -6.74
C THR A 226 -30.02 4.44 -7.23
N LEU A 227 -29.13 3.47 -7.46
CA LEU A 227 -29.54 2.14 -7.94
C LEU A 227 -30.38 1.39 -6.89
N ALA A 228 -30.18 1.69 -5.59
CA ALA A 228 -30.96 1.06 -4.54
C ALA A 228 -32.42 1.52 -4.61
N GLN A 229 -32.63 2.85 -4.76
CA GLN A 229 -33.97 3.42 -4.87
C GLN A 229 -34.67 2.90 -6.12
N GLN A 230 -33.94 2.88 -7.25
CA GLN A 230 -34.46 2.37 -8.53
C GLN A 230 -34.84 0.90 -8.42
N LEU A 231 -34.09 0.08 -7.65
CA LEU A 231 -34.40 -1.32 -7.43
C LEU A 231 -35.58 -1.48 -6.46
N ILE A 232 -35.73 -0.56 -5.48
CA ILE A 232 -36.85 -0.55 -4.52
C ILE A 232 -38.16 -0.27 -5.31
N ASP A 233 -38.17 0.86 -6.07
CA ASP A 233 -39.27 1.35 -6.87
C ASP A 233 -39.75 0.31 -7.87
N PHE A 234 -38.82 -0.40 -8.53
CA PHE A 234 -39.12 -1.43 -9.52
C PHE A 234 -39.84 -2.60 -8.85
N GLY A 235 -39.28 -3.09 -7.77
CA GLY A 235 -39.87 -4.17 -7.02
C GLY A 235 -41.17 -3.73 -6.36
N GLU A 236 -41.45 -2.44 -6.39
CA GLU A 236 -42.73 -1.97 -5.92
C GLU A 236 -43.77 -2.02 -7.02
N ILE A 237 -43.41 -1.69 -8.26
CA ILE A 237 -44.34 -1.74 -9.37
C ILE A 237 -44.70 -3.17 -9.63
N LEU A 238 -43.88 -4.06 -9.15
CA LEU A 238 -44.17 -5.44 -9.27
C LEU A 238 -44.52 -5.95 -7.88
N PRO B 11 9.60 21.85 7.41
CA PRO B 11 9.78 20.51 7.96
C PRO B 11 8.58 19.60 7.63
N LEU B 12 8.88 18.49 6.94
CA LEU B 12 7.90 17.49 6.49
C LEU B 12 7.80 16.31 7.43
N PRO B 13 6.58 15.76 7.65
CA PRO B 13 6.48 14.54 8.47
C PRO B 13 7.08 13.35 7.69
N SER B 14 7.68 12.41 8.42
CA SER B 14 8.39 11.25 7.89
C SER B 14 8.42 10.14 8.91
N LEU B 15 8.67 8.91 8.43
CA LEU B 15 8.80 7.72 9.29
C LEU B 15 10.29 7.47 9.55
N ALA B 16 11.18 8.23 8.87
CA ALA B 16 12.64 8.17 8.99
C ALA B 16 13.13 8.47 10.43
N PRO B 17 12.59 9.46 11.20
CA PRO B 17 13.09 9.68 12.58
C PRO B 17 12.91 8.47 13.52
N MET B 18 11.83 7.67 13.38
CA MET B 18 11.69 6.51 14.26
C MET B 18 12.51 5.31 13.69
N LEU B 19 12.66 5.21 12.35
CA LEU B 19 13.38 4.13 11.67
C LEU B 19 14.87 4.14 11.94
N GLU B 20 15.43 5.31 12.29
CA GLU B 20 16.85 5.45 12.54
C GLU B 20 17.22 4.88 13.92
N LYS B 21 16.36 5.04 14.95
CA LYS B 21 16.62 4.52 16.30
C LYS B 21 16.55 2.97 16.36
N VAL B 22 15.74 2.36 15.48
CA VAL B 22 15.50 0.92 15.36
C VAL B 22 16.61 0.23 14.54
N LEU B 23 17.19 0.93 13.53
CA LEU B 23 18.21 0.47 12.58
C LEU B 23 19.24 -0.56 13.15
N PRO B 24 19.97 -0.31 14.27
CA PRO B 24 20.95 -1.31 14.72
C PRO B 24 20.37 -2.65 15.22
N ALA B 25 19.09 -2.68 15.65
CA ALA B 25 18.40 -3.88 16.15
C ALA B 25 17.97 -4.86 15.05
N VAL B 26 17.97 -4.41 13.78
CA VAL B 26 17.56 -5.21 12.61
C VAL B 26 18.84 -5.65 11.87
N VAL B 27 18.96 -6.95 11.66
CA VAL B 27 20.20 -7.52 11.12
C VAL B 27 20.03 -8.30 9.79
N SER B 28 21.14 -8.44 9.03
CA SER B 28 21.24 -9.26 7.83
C SER B 28 21.63 -10.69 8.27
N VAL B 29 21.06 -11.70 7.62
CA VAL B 29 21.30 -13.10 7.95
C VAL B 29 21.78 -13.78 6.67
N ARG B 30 23.02 -14.31 6.68
CA ARG B 30 23.61 -15.01 5.53
C ARG B 30 23.86 -16.48 5.90
N VAL B 31 23.35 -17.41 5.06
CA VAL B 31 23.42 -18.86 5.26
C VAL B 31 23.60 -19.55 3.89
N GLY B 63 20.26 -17.44 -0.18
CA GLY B 63 20.22 -17.81 1.24
C GLY B 63 20.34 -16.61 2.15
N LEU B 64 19.45 -15.63 1.95
CA LEU B 64 19.44 -14.38 2.70
C LEU B 64 18.07 -14.04 3.26
N GLY B 65 18.08 -13.23 4.30
CA GLY B 65 16.90 -12.74 4.97
C GLY B 65 17.31 -11.72 6.02
N SER B 66 16.34 -11.23 6.80
CA SER B 66 16.62 -10.32 7.89
C SER B 66 16.37 -11.03 9.24
N GLY B 67 16.68 -10.31 10.33
CA GLY B 67 16.52 -10.78 11.70
C GLY B 67 16.37 -9.63 12.66
N VAL B 68 16.02 -9.94 13.93
CA VAL B 68 15.81 -8.89 14.94
C VAL B 68 16.52 -9.27 16.24
N ILE B 69 17.30 -8.33 16.80
CA ILE B 69 17.99 -8.54 18.08
C ILE B 69 16.94 -8.33 19.18
N ILE B 70 16.64 -9.40 19.91
CA ILE B 70 15.65 -9.39 20.99
C ILE B 70 16.39 -9.19 22.32
N ASN B 71 17.53 -9.86 22.51
CA ASN B 71 18.37 -9.67 23.70
C ASN B 71 19.79 -9.38 23.24
N ALA B 72 20.33 -8.22 23.63
CA ALA B 72 21.66 -7.79 23.24
C ALA B 72 22.76 -8.52 24.05
N SER B 73 22.58 -8.62 25.40
CA SER B 73 23.53 -9.28 26.32
C SER B 73 23.82 -10.71 25.91
N LYS B 74 22.76 -11.50 25.63
CA LYS B 74 22.90 -12.90 25.21
C LYS B 74 23.08 -13.06 23.68
N GLY B 75 22.75 -12.01 22.91
CA GLY B 75 22.86 -11.99 21.46
C GLY B 75 21.83 -12.84 20.77
N TYR B 76 20.60 -12.84 21.31
CA TYR B 76 19.49 -13.64 20.76
C TYR B 76 18.82 -12.89 19.61
N VAL B 77 18.80 -13.51 18.42
CA VAL B 77 18.23 -12.93 17.21
C VAL B 77 17.07 -13.77 16.69
N LEU B 78 15.88 -13.14 16.51
CA LEU B 78 14.70 -13.78 15.93
C LEU B 78 14.67 -13.59 14.41
N THR B 79 14.44 -14.68 13.66
CA THR B 79 14.38 -14.70 12.19
C THR B 79 13.36 -15.79 11.72
N ASN B 80 13.39 -16.20 10.43
CA ASN B 80 12.49 -17.21 9.85
C ASN B 80 13.13 -18.57 9.64
N ASN B 81 12.32 -19.63 9.78
CA ASN B 81 12.76 -21.00 9.56
C ASN B 81 13.10 -21.23 8.10
N HIS B 82 12.20 -20.86 7.15
CA HIS B 82 12.45 -21.06 5.73
C HIS B 82 13.78 -20.42 5.25
N VAL B 83 14.17 -19.30 5.84
CA VAL B 83 15.43 -18.58 5.57
C VAL B 83 16.62 -19.55 5.83
N ILE B 84 16.54 -20.39 6.91
CA ILE B 84 17.57 -21.38 7.26
C ILE B 84 16.98 -22.82 7.24
N ASN B 85 17.20 -23.58 6.15
CA ASN B 85 16.70 -24.96 6.05
C ASN B 85 17.79 -25.89 5.58
N LYS B 89 26.15 -23.62 8.64
CA LYS B 89 26.75 -22.34 9.00
C LYS B 89 25.80 -21.16 8.71
N ILE B 90 25.69 -20.28 9.71
CA ILE B 90 24.88 -19.06 9.69
C ILE B 90 25.75 -17.88 10.15
N SER B 91 25.71 -16.77 9.41
CA SER B 91 26.40 -15.53 9.74
C SER B 91 25.40 -14.37 9.80
N ILE B 92 25.61 -13.42 10.73
CA ILE B 92 24.78 -12.25 10.95
C ILE B 92 25.60 -11.00 10.65
N GLN B 93 24.99 -10.02 9.94
CA GLN B 93 25.66 -8.77 9.58
C GLN B 93 24.88 -7.58 10.11
N LEU B 94 25.53 -6.76 10.93
CA LEU B 94 24.90 -5.58 11.49
C LEU B 94 24.85 -4.44 10.46
N ASN B 95 24.27 -3.29 10.86
CA ASN B 95 24.15 -2.09 10.04
C ASN B 95 25.54 -1.43 9.82
N ASP B 96 26.40 -1.43 10.87
CA ASP B 96 27.75 -0.86 10.85
C ASP B 96 28.78 -1.74 10.07
N GLY B 97 28.31 -2.85 9.49
CA GLY B 97 29.13 -3.75 8.68
C GLY B 97 29.72 -4.94 9.41
N ARG B 98 29.66 -4.94 10.76
CA ARG B 98 30.21 -6.00 11.62
C ARG B 98 29.56 -7.34 11.33
N GLU B 99 30.40 -8.38 11.19
CA GLU B 99 30.00 -9.75 10.92
C GLU B 99 30.21 -10.60 12.15
N PHE B 100 29.23 -11.48 12.44
CA PHE B 100 29.25 -12.40 13.59
C PHE B 100 28.80 -13.80 13.20
N ASP B 101 29.35 -14.81 13.87
CA ASP B 101 28.94 -16.20 13.69
C ASP B 101 27.67 -16.40 14.51
N ALA B 102 26.79 -17.32 14.10
CA ALA B 102 25.54 -17.55 14.81
C ALA B 102 25.16 -19.02 14.79
N LYS B 103 24.68 -19.51 15.93
CA LYS B 103 24.26 -20.90 16.05
C LYS B 103 22.74 -20.98 16.15
N LEU B 104 22.16 -22.00 15.52
CA LEU B 104 20.73 -22.23 15.57
C LEU B 104 20.40 -22.87 16.92
N ILE B 105 19.63 -22.15 17.75
CA ILE B 105 19.20 -22.63 19.06
C ILE B 105 18.05 -23.62 18.84
N GLY B 106 17.15 -23.25 17.92
CA GLY B 106 16.00 -24.06 17.58
C GLY B 106 15.03 -23.34 16.68
N SER B 107 14.00 -24.05 16.23
CA SER B 107 12.99 -23.48 15.34
C SER B 107 11.58 -24.09 15.55
N ASP B 108 10.58 -23.42 14.99
CA ASP B 108 9.19 -23.84 14.97
C ASP B 108 8.70 -23.72 13.52
N ASP B 109 8.55 -24.87 12.82
CA ASP B 109 8.13 -24.95 11.41
C ASP B 109 6.77 -24.28 11.17
N GLN B 110 5.79 -24.52 12.08
CA GLN B 110 4.42 -24.00 11.99
C GLN B 110 4.36 -22.45 12.06
N SER B 111 5.18 -21.82 12.92
CA SER B 111 5.16 -20.37 13.01
C SER B 111 6.25 -19.76 12.16
N ASP B 112 7.14 -20.59 11.56
CA ASP B 112 8.27 -20.16 10.72
C ASP B 112 9.19 -19.25 11.55
N ILE B 113 9.36 -19.55 12.83
CA ILE B 113 10.19 -18.78 13.74
C ILE B 113 11.44 -19.59 14.08
N ALA B 114 12.59 -18.92 14.05
CA ALA B 114 13.88 -19.50 14.39
C ALA B 114 14.66 -18.55 15.28
N LEU B 115 15.24 -19.09 16.35
CA LEU B 115 16.04 -18.36 17.33
C LEU B 115 17.52 -18.65 17.11
N LEU B 116 18.34 -17.60 16.98
CA LEU B 116 19.77 -17.72 16.80
C LEU B 116 20.52 -17.02 17.91
N GLN B 117 21.67 -17.58 18.31
CA GLN B 117 22.52 -16.94 19.31
C GLN B 117 23.83 -16.55 18.65
N ILE B 118 24.15 -15.26 18.65
CA ILE B 118 25.37 -14.85 17.98
C ILE B 118 26.58 -15.29 18.85
N GLN B 119 27.68 -15.68 18.17
CA GLN B 119 28.91 -16.15 18.79
C GLN B 119 29.78 -14.93 19.16
N ASN B 120 30.01 -14.76 20.48
CA ASN B 120 30.78 -13.71 21.15
C ASN B 120 30.21 -12.31 20.81
N PRO B 121 29.08 -11.92 21.47
CA PRO B 121 28.46 -10.61 21.18
C PRO B 121 29.19 -9.44 21.85
N SER B 122 29.01 -8.24 21.28
CA SER B 122 29.58 -6.98 21.77
C SER B 122 28.89 -5.78 21.11
N LYS B 123 28.65 -4.70 21.88
CA LYS B 123 28.06 -3.42 21.45
C LYS B 123 26.79 -3.63 20.57
N LEU B 124 25.86 -4.45 21.07
CA LEU B 124 24.61 -4.72 20.35
C LEU B 124 23.48 -3.88 20.90
N THR B 125 22.60 -3.45 20.00
CA THR B 125 21.40 -2.70 20.32
C THR B 125 20.21 -3.64 20.11
N GLN B 126 19.38 -3.81 21.15
CA GLN B 126 18.21 -4.67 21.10
C GLN B 126 16.93 -3.83 20.86
N ILE B 127 15.87 -4.47 20.34
CA ILE B 127 14.61 -3.80 20.05
C ILE B 127 13.68 -3.81 21.27
N ALA B 128 12.86 -2.76 21.41
CA ALA B 128 11.81 -2.70 22.43
C ALA B 128 10.67 -3.54 21.90
N ILE B 129 9.99 -4.31 22.77
CA ILE B 129 8.92 -5.20 22.33
C ILE B 129 7.59 -4.73 22.94
N ALA B 130 6.53 -4.73 22.11
CA ALA B 130 5.20 -4.29 22.50
C ALA B 130 4.26 -5.48 22.68
N ASP B 131 3.19 -5.29 23.48
CA ASP B 131 2.19 -6.33 23.71
C ASP B 131 1.25 -6.41 22.48
N SER B 132 1.44 -7.45 21.64
CA SER B 132 0.69 -7.72 20.42
C SER B 132 -0.81 -8.00 20.68
N ASP B 133 -1.18 -8.30 21.95
CA ASP B 133 -2.58 -8.55 22.33
C ASP B 133 -3.38 -7.24 22.29
N LYS B 134 -2.69 -6.10 22.49
CA LYS B 134 -3.25 -4.75 22.48
C LYS B 134 -3.41 -4.18 21.05
N LEU B 135 -3.04 -4.96 20.01
CA LEU B 135 -3.17 -4.53 18.63
C LEU B 135 -4.61 -4.48 18.22
N ARG B 136 -4.97 -3.48 17.39
CA ARG B 136 -6.30 -3.28 16.83
C ARG B 136 -6.20 -3.10 15.34
N VAL B 137 -7.17 -3.65 14.58
CA VAL B 137 -7.27 -3.45 13.12
C VAL B 137 -7.40 -1.95 12.90
N GLY B 138 -6.51 -1.41 12.07
CA GLY B 138 -6.45 0.02 11.79
C GLY B 138 -5.20 0.68 12.34
N ASP B 139 -4.49 0.00 13.28
CA ASP B 139 -3.23 0.52 13.82
C ASP B 139 -2.19 0.54 12.72
N PHE B 140 -1.33 1.57 12.70
CA PHE B 140 -0.30 1.69 11.68
C PHE B 140 0.86 0.71 11.95
N ALA B 141 1.36 0.07 10.88
CA ALA B 141 2.44 -0.90 10.93
C ALA B 141 3.50 -0.58 9.91
N VAL B 142 4.77 -0.78 10.28
CA VAL B 142 5.94 -0.54 9.42
C VAL B 142 6.76 -1.85 9.41
N ALA B 143 7.00 -2.42 8.21
CA ALA B 143 7.78 -3.68 8.07
C ALA B 143 9.23 -3.38 7.66
N VAL B 144 10.19 -3.60 8.57
CA VAL B 144 11.58 -3.23 8.31
C VAL B 144 12.49 -4.44 8.09
N GLY B 145 13.45 -4.25 7.21
CA GLY B 145 14.44 -5.25 6.86
C GLY B 145 15.79 -4.65 6.60
N ASN B 146 16.79 -5.51 6.45
CA ASN B 146 18.14 -5.15 6.08
C ASN B 146 18.81 -6.37 5.44
N PRO B 147 18.36 -6.83 4.26
CA PRO B 147 19.07 -7.96 3.62
C PRO B 147 20.34 -7.45 2.93
N PHE B 148 21.26 -8.36 2.60
CA PHE B 148 22.53 -8.04 1.92
C PHE B 148 23.46 -7.17 2.82
N GLY B 149 22.89 -6.50 3.83
CA GLY B 149 23.58 -5.63 4.77
C GLY B 149 23.88 -4.22 4.30
N LEU B 150 23.46 -3.88 3.07
CA LEU B 150 23.73 -2.58 2.42
C LEU B 150 22.83 -1.42 2.89
N GLY B 151 21.76 -1.73 3.59
CA GLY B 151 20.85 -0.70 4.07
C GLY B 151 19.45 -1.19 4.37
N GLN B 152 18.74 -0.35 5.12
CA GLN B 152 17.38 -0.56 5.60
C GLN B 152 16.33 -0.57 4.46
N THR B 153 15.35 -1.46 4.58
CA THR B 153 14.20 -1.59 3.68
C THR B 153 12.97 -1.46 4.55
N ALA B 154 12.03 -0.60 4.17
CA ALA B 154 10.83 -0.43 4.96
C ALA B 154 9.61 -0.35 4.11
N THR B 155 8.50 -0.90 4.60
CA THR B 155 7.19 -0.83 3.95
C THR B 155 6.25 -0.34 5.02
N SER B 156 5.18 0.33 4.61
CA SER B 156 4.23 0.91 5.53
C SER B 156 2.79 0.47 5.22
N GLY B 157 1.98 0.48 6.25
CA GLY B 157 0.59 0.11 6.11
C GLY B 157 -0.14 0.13 7.43
N ILE B 158 -1.17 -0.70 7.52
CA ILE B 158 -1.98 -0.86 8.72
C ILE B 158 -2.11 -2.33 9.10
N VAL B 159 -2.53 -2.60 10.35
CA VAL B 159 -2.90 -3.93 10.83
C VAL B 159 -4.25 -4.19 10.15
N SER B 160 -4.29 -5.17 9.23
CA SER B 160 -5.47 -5.43 8.40
C SER B 160 -6.48 -6.37 9.03
N ALA B 161 -6.01 -7.48 9.62
CA ALA B 161 -6.82 -8.50 10.29
C ALA B 161 -6.01 -9.20 11.39
N LEU B 162 -6.69 -9.67 12.43
CA LEU B 162 -6.14 -10.40 13.57
C LEU B 162 -6.90 -11.73 13.74
N GLY B 163 -6.15 -12.82 13.87
CA GLY B 163 -6.74 -14.14 14.06
C GLY B 163 -7.28 -14.73 12.77
N ARG B 164 -8.33 -15.57 12.89
CA ARG B 164 -8.96 -16.32 11.80
C ARG B 164 -9.95 -15.48 10.95
N SER B 165 -9.80 -14.14 10.93
CA SER B 165 -10.73 -13.27 10.20
C SER B 165 -10.09 -12.54 8.99
N GLY B 166 -9.67 -13.32 8.00
CA GLY B 166 -9.08 -12.81 6.77
C GLY B 166 -8.84 -13.92 5.77
N LEU B 167 -7.73 -14.66 5.98
CA LEU B 167 -7.29 -15.80 5.17
C LEU B 167 -6.17 -16.58 5.89
N LEU B 172 -3.14 -21.65 10.15
CA LEU B 172 -2.45 -20.38 10.30
C LEU B 172 -2.82 -19.77 11.66
N GLU B 173 -4.15 -19.60 11.89
CA GLU B 173 -4.87 -19.13 13.10
C GLU B 173 -4.22 -17.97 13.87
N ASN B 174 -3.02 -18.19 14.44
CA ASN B 174 -2.31 -17.23 15.31
C ASN B 174 -1.65 -16.04 14.57
N PHE B 175 -1.60 -16.03 13.23
CA PHE B 175 -0.93 -14.99 12.45
C PHE B 175 -1.59 -13.58 12.51
N ILE B 176 -0.81 -12.56 12.09
CA ILE B 176 -1.21 -11.14 11.97
C ILE B 176 -1.25 -10.79 10.49
N GLN B 177 -2.27 -10.01 10.08
CA GLN B 177 -2.41 -9.57 8.68
C GLN B 177 -2.12 -8.09 8.58
N THR B 178 -1.44 -7.70 7.51
CA THR B 178 -1.04 -6.32 7.25
C THR B 178 -1.11 -6.04 5.73
N ASP B 179 -1.39 -4.77 5.34
CA ASP B 179 -1.43 -4.37 3.93
C ASP B 179 -0.07 -3.74 3.55
N ALA B 180 0.86 -3.74 4.51
CA ALA B 180 2.26 -3.36 4.34
C ALA B 180 2.90 -4.52 3.61
N SER B 181 3.61 -4.24 2.51
CA SER B 181 4.21 -5.29 1.68
C SER B 181 5.26 -6.12 2.43
N ILE B 182 5.03 -7.45 2.45
CA ILE B 182 5.91 -8.43 3.07
C ILE B 182 6.52 -9.22 1.92
N ASN B 183 7.81 -9.01 1.68
CA ASN B 183 8.53 -9.65 0.60
C ASN B 183 9.87 -10.19 1.11
N ARG B 184 10.66 -10.82 0.23
CA ARG B 184 11.97 -11.41 0.56
C ARG B 184 12.96 -10.39 1.15
N GLY B 185 12.71 -9.10 0.93
CA GLY B 185 13.53 -8.00 1.44
C GLY B 185 13.28 -7.56 2.88
N ASN B 186 12.21 -8.03 3.52
CA ASN B 186 11.96 -7.68 4.93
C ASN B 186 11.51 -8.93 5.75
N SER B 187 11.38 -10.08 5.07
CA SER B 187 11.03 -11.37 5.66
C SER B 187 12.11 -11.80 6.66
N GLY B 188 11.72 -11.94 7.92
CA GLY B 188 12.62 -12.30 9.02
C GLY B 188 12.81 -11.11 9.92
N GLY B 189 12.56 -9.95 9.33
CA GLY B 189 12.69 -8.67 10.00
C GLY B 189 11.54 -8.36 10.93
N ALA B 190 11.51 -7.11 11.37
CA ALA B 190 10.54 -6.61 12.31
C ALA B 190 9.32 -5.94 11.68
N LEU B 191 8.18 -6.09 12.37
CA LEU B 191 6.95 -5.36 12.15
C LEU B 191 6.80 -4.48 13.37
N LEU B 192 6.83 -3.17 13.18
CA LEU B 192 6.78 -2.23 14.30
C LEU B 192 5.58 -1.31 14.26
N ASN B 193 5.34 -0.66 15.37
CA ASN B 193 4.33 0.37 15.50
C ASN B 193 5.03 1.71 15.29
N LEU B 194 4.31 2.82 15.45
CA LEU B 194 4.86 4.16 15.24
C LEU B 194 5.86 4.57 16.36
N ASN B 195 5.97 3.77 17.47
CA ASN B 195 6.92 4.00 18.55
C ASN B 195 8.25 3.30 18.29
N GLY B 196 8.26 2.37 17.33
CA GLY B 196 9.45 1.61 16.95
C GLY B 196 9.60 0.34 17.76
N GLU B 197 8.50 -0.12 18.39
CA GLU B 197 8.43 -1.33 19.21
C GLU B 197 7.93 -2.48 18.38
N LEU B 198 8.54 -3.67 18.58
CA LEU B 198 8.21 -4.91 17.87
C LEU B 198 6.77 -5.38 18.18
N ILE B 199 5.97 -5.52 17.13
CA ILE B 199 4.58 -5.99 17.24
C ILE B 199 4.45 -7.33 16.49
N GLY B 200 5.49 -7.71 15.76
CA GLY B 200 5.52 -8.95 15.00
C GLY B 200 6.77 -9.17 14.16
N ILE B 201 6.95 -10.43 13.67
CA ILE B 201 8.07 -10.85 12.82
C ILE B 201 7.51 -11.19 11.46
N ASN B 202 8.02 -10.54 10.39
CA ASN B 202 7.50 -10.75 9.04
C ASN B 202 7.85 -12.13 8.46
N THR B 203 6.91 -12.72 7.72
CA THR B 203 7.10 -14.01 7.05
C THR B 203 6.43 -13.98 5.67
N ALA B 204 7.23 -14.24 4.62
CA ALA B 204 6.77 -14.22 3.25
C ALA B 204 6.36 -15.61 2.72
N ILE B 205 6.54 -16.72 3.50
CA ILE B 205 6.18 -18.11 3.07
C ILE B 205 4.76 -18.25 2.56
N LEU B 206 3.82 -17.40 3.05
CA LEU B 206 2.40 -17.40 2.69
C LEU B 206 1.86 -15.95 2.65
N VAL B 213 -2.42 -11.08 -3.51
CA VAL B 213 -3.12 -9.82 -3.25
C VAL B 213 -2.11 -8.74 -2.72
N GLY B 214 -2.55 -7.88 -1.79
CA GLY B 214 -1.68 -6.90 -1.15
C GLY B 214 -1.57 -7.13 0.35
N ILE B 215 -1.85 -8.37 0.80
CA ILE B 215 -1.87 -8.67 2.23
C ILE B 215 -0.76 -9.65 2.66
N GLY B 216 -0.12 -9.25 3.74
CA GLY B 216 1.05 -9.88 4.33
C GLY B 216 0.86 -10.47 5.71
N PHE B 217 1.73 -11.42 6.05
CA PHE B 217 1.72 -12.15 7.30
C PHE B 217 2.91 -11.85 8.16
N ALA B 218 2.65 -11.69 9.43
CA ALA B 218 3.63 -11.53 10.47
C ALA B 218 3.22 -12.38 11.66
N ILE B 219 4.21 -12.92 12.39
CA ILE B 219 4.04 -13.69 13.64
C ILE B 219 3.94 -12.67 14.76
N PRO B 220 2.88 -12.63 15.58
CA PRO B 220 2.81 -11.61 16.66
C PRO B 220 3.96 -11.77 17.66
N SER B 221 4.46 -10.62 18.19
CA SER B 221 5.59 -10.56 19.13
C SER B 221 5.37 -11.45 20.38
N ASN B 222 4.16 -11.40 21.01
CA ASN B 222 3.86 -12.22 22.20
C ASN B 222 4.15 -13.70 21.97
N MET B 223 3.74 -14.20 20.80
CA MET B 223 3.98 -15.56 20.39
C MET B 223 5.47 -15.76 20.06
N ALA B 224 6.10 -14.73 19.44
CA ALA B 224 7.52 -14.79 19.08
C ALA B 224 8.40 -14.85 20.34
N ARG B 225 8.01 -14.14 21.40
CA ARG B 225 8.70 -14.09 22.69
C ARG B 225 8.55 -15.41 23.46
N THR B 226 7.31 -15.93 23.57
CA THR B 226 6.96 -17.19 24.22
C THR B 226 7.73 -18.38 23.60
N LEU B 227 7.67 -18.53 22.26
CA LEU B 227 8.33 -19.64 21.58
C LEU B 227 9.85 -19.53 21.64
N ALA B 228 10.40 -18.31 21.90
CA ALA B 228 11.84 -18.10 22.08
C ALA B 228 12.23 -18.63 23.45
N GLN B 229 11.41 -18.32 24.47
CA GLN B 229 11.59 -18.79 25.84
C GLN B 229 11.58 -20.34 25.89
N GLN B 230 10.58 -20.97 25.21
CA GLN B 230 10.41 -22.43 25.10
C GLN B 230 11.63 -23.07 24.40
N LEU B 231 12.22 -22.37 23.39
CA LEU B 231 13.40 -22.84 22.68
C LEU B 231 14.66 -22.64 23.54
N ILE B 232 14.70 -21.58 24.38
CA ILE B 232 15.81 -21.31 25.31
C ILE B 232 15.84 -22.39 26.40
N ASP B 233 14.68 -22.63 27.05
CA ASP B 233 14.45 -23.63 28.09
C ASP B 233 14.86 -25.04 27.62
N PHE B 234 14.49 -25.43 26.42
CA PHE B 234 14.85 -26.71 25.88
C PHE B 234 16.35 -26.84 25.65
N GLY B 235 16.96 -25.75 25.25
CA GLY B 235 18.38 -25.72 25.02
C GLY B 235 19.15 -25.74 26.33
N GLU B 236 18.45 -25.46 27.40
CA GLU B 236 19.04 -25.46 28.73
C GLU B 236 18.96 -26.84 29.36
N ILE B 237 18.12 -27.71 28.83
CA ILE B 237 18.10 -29.07 29.30
C ILE B 237 19.14 -29.82 28.52
N LEU B 238 19.64 -29.20 27.46
CA LEU B 238 20.66 -29.80 26.63
C LEU B 238 21.98 -29.13 26.90
N PRO C 11 -13.36 19.09 8.62
CA PRO C 11 -12.30 19.20 7.61
C PRO C 11 -11.35 18.02 7.71
N LEU C 12 -11.19 17.31 6.58
CA LEU C 12 -10.36 16.12 6.48
C LEU C 12 -8.99 16.38 5.86
N PRO C 13 -7.90 15.74 6.36
CA PRO C 13 -6.61 15.87 5.68
C PRO C 13 -6.66 15.07 4.37
N SER C 14 -5.95 15.54 3.35
CA SER C 14 -5.96 14.97 2.01
C SER C 14 -4.66 15.27 1.29
N LEU C 15 -4.37 14.48 0.24
CA LEU C 15 -3.20 14.69 -0.62
C LEU C 15 -3.61 15.49 -1.91
N ALA C 16 -4.94 15.68 -2.16
CA ALA C 16 -5.50 16.43 -3.29
C ALA C 16 -4.97 17.90 -3.35
N PRO C 17 -4.91 18.70 -2.22
CA PRO C 17 -4.36 20.07 -2.31
C PRO C 17 -2.95 20.17 -2.94
N MET C 18 -2.03 19.27 -2.56
CA MET C 18 -0.72 19.35 -3.16
C MET C 18 -0.74 18.81 -4.62
N LEU C 19 -1.63 17.84 -4.91
CA LEU C 19 -1.78 17.22 -6.23
C LEU C 19 -2.37 18.20 -7.28
N GLU C 20 -3.10 19.23 -6.84
CA GLU C 20 -3.74 20.23 -7.73
C GLU C 20 -2.73 21.23 -8.26
N LYS C 21 -1.70 21.58 -7.47
CA LYS C 21 -0.67 22.52 -7.89
C LYS C 21 0.32 21.89 -8.88
N VAL C 22 0.53 20.57 -8.78
CA VAL C 22 1.46 19.76 -9.59
C VAL C 22 0.84 19.27 -10.92
N LEU C 23 -0.49 19.20 -11.00
CA LEU C 23 -1.30 18.74 -12.14
C LEU C 23 -0.80 19.26 -13.53
N PRO C 24 -0.57 20.59 -13.79
CA PRO C 24 -0.17 20.99 -15.16
C PRO C 24 1.23 20.52 -15.60
N ALA C 25 2.15 20.22 -14.65
CA ALA C 25 3.51 19.77 -14.94
C ALA C 25 3.60 18.29 -15.41
N VAL C 26 2.52 17.51 -15.18
CA VAL C 26 2.45 16.08 -15.53
C VAL C 26 1.61 15.95 -16.80
N VAL C 27 2.17 15.31 -17.82
CA VAL C 27 1.55 15.23 -19.13
C VAL C 27 1.31 13.79 -19.55
N SER C 28 0.56 13.64 -20.65
CA SER C 28 0.21 12.40 -21.33
C SER C 28 1.08 12.23 -22.58
N VAL C 29 1.99 11.26 -22.56
CA VAL C 29 2.88 10.99 -23.69
C VAL C 29 2.19 9.95 -24.58
N ARG C 30 1.82 10.36 -25.80
CA ARG C 30 1.11 9.56 -26.81
C ARG C 30 2.02 9.18 -27.99
N GLY C 63 0.07 2.39 -27.05
CA GLY C 63 1.35 3.10 -27.01
C GLY C 63 1.25 4.47 -26.35
N LEU C 64 0.83 4.49 -25.08
CA LEU C 64 0.68 5.72 -24.29
C LEU C 64 1.56 5.69 -23.03
N GLY C 65 1.48 6.76 -22.23
CA GLY C 65 2.22 6.91 -20.99
C GLY C 65 2.16 8.30 -20.38
N SER C 66 2.97 8.54 -19.33
CA SER C 66 3.03 9.82 -18.67
C SER C 66 4.43 10.47 -18.89
N GLY C 67 4.53 11.76 -18.63
CA GLY C 67 5.74 12.56 -18.76
C GLY C 67 5.73 13.73 -17.82
N VAL C 68 6.91 14.31 -17.52
CA VAL C 68 6.99 15.44 -16.57
C VAL C 68 7.70 16.61 -17.24
N ILE C 69 7.13 17.83 -17.11
CA ILE C 69 7.76 19.04 -17.63
C ILE C 69 8.82 19.46 -16.62
N ILE C 70 10.09 19.40 -17.05
CA ILE C 70 11.23 19.79 -16.23
C ILE C 70 11.61 21.24 -16.55
N ASN C 71 11.63 21.61 -17.84
CA ASN C 71 11.94 22.96 -18.28
C ASN C 71 10.74 23.55 -19.03
N ALA C 72 10.09 24.57 -18.42
CA ALA C 72 8.92 25.26 -18.97
C ALA C 72 9.28 26.04 -20.25
N SER C 73 10.35 26.88 -20.20
CA SER C 73 10.80 27.71 -21.31
C SER C 73 11.21 26.91 -22.51
N LYS C 74 12.06 25.87 -22.34
CA LYS C 74 12.57 25.04 -23.43
C LYS C 74 11.62 23.89 -23.84
N GLY C 75 10.62 23.59 -23.01
CA GLY C 75 9.65 22.52 -23.23
C GLY C 75 10.27 21.14 -23.10
N TYR C 76 11.18 20.95 -22.13
CA TYR C 76 11.84 19.64 -21.92
C TYR C 76 10.97 18.76 -21.04
N VAL C 77 10.61 17.57 -21.54
CA VAL C 77 9.74 16.63 -20.85
C VAL C 77 10.48 15.29 -20.62
N LEU C 78 10.54 14.86 -19.34
CA LEU C 78 11.14 13.59 -18.96
C LEU C 78 10.08 12.49 -18.92
N THR C 79 10.38 11.33 -19.54
CA THR C 79 9.49 10.18 -19.61
C THR C 79 10.33 8.88 -19.63
N ASN C 80 9.71 7.72 -19.90
CA ASN C 80 10.39 6.41 -19.96
C ASN C 80 10.70 6.05 -21.39
N ASN C 81 11.77 5.26 -21.60
CA ASN C 81 12.23 4.82 -22.93
C ASN C 81 11.28 3.78 -23.56
N HIS C 82 10.84 2.78 -22.75
CA HIS C 82 9.95 1.70 -23.20
C HIS C 82 8.61 2.24 -23.75
N VAL C 83 8.13 3.38 -23.22
CA VAL C 83 6.91 4.08 -23.64
C VAL C 83 7.06 4.49 -25.11
N ILE C 84 8.22 5.06 -25.48
CA ILE C 84 8.54 5.53 -26.83
C ILE C 84 9.49 4.57 -27.54
N LYS C 89 6.84 9.28 -34.64
CA LYS C 89 6.19 10.52 -34.20
C LYS C 89 5.63 10.37 -32.76
N ILE C 90 5.80 11.45 -31.96
CA ILE C 90 5.41 11.56 -30.55
C ILE C 90 4.57 12.83 -30.35
N SER C 91 3.44 12.71 -29.63
CA SER C 91 2.59 13.86 -29.29
C SER C 91 2.39 13.90 -27.77
N ILE C 92 2.30 15.11 -27.20
CA ILE C 92 2.16 15.36 -25.77
C ILE C 92 0.82 16.07 -25.53
N GLN C 93 0.08 15.64 -24.48
CA GLN C 93 -1.21 16.23 -24.12
C GLN C 93 -1.18 16.74 -22.69
N LEU C 94 -1.45 18.05 -22.54
CA LEU C 94 -1.52 18.70 -21.23
C LEU C 94 -2.86 18.38 -20.55
N ASN C 95 -2.98 18.78 -19.28
CA ASN C 95 -4.18 18.59 -18.48
C ASN C 95 -5.36 19.40 -19.08
N ASP C 96 -5.08 20.65 -19.56
CA ASP C 96 -6.05 21.58 -20.15
C ASP C 96 -6.52 21.15 -21.56
N GLY C 97 -6.04 20.01 -22.05
CA GLY C 97 -6.44 19.45 -23.33
C GLY C 97 -5.53 19.77 -24.51
N ARG C 98 -4.62 20.76 -24.33
CA ARG C 98 -3.69 21.22 -25.37
C ARG C 98 -2.78 20.09 -25.84
N GLU C 99 -2.66 19.96 -27.16
CA GLU C 99 -1.84 18.96 -27.84
C GLU C 99 -0.63 19.64 -28.48
N PHE C 100 0.53 19.01 -28.35
CA PHE C 100 1.80 19.51 -28.90
C PHE C 100 2.61 18.40 -29.55
N ASP C 101 3.41 18.76 -30.56
CA ASP C 101 4.33 17.82 -31.21
C ASP C 101 5.56 17.74 -30.33
N ALA C 102 6.27 16.60 -30.35
CA ALA C 102 7.45 16.42 -29.52
C ALA C 102 8.50 15.61 -30.25
N LYS C 103 9.76 16.05 -30.12
CA LYS C 103 10.88 15.36 -30.75
C LYS C 103 11.72 14.65 -29.69
N LEU C 104 12.19 13.45 -30.04
CA LEU C 104 13.07 12.68 -29.17
C LEU C 104 14.47 13.24 -29.28
N ILE C 105 15.04 13.71 -28.16
CA ILE C 105 16.39 14.27 -28.20
C ILE C 105 17.39 13.37 -27.42
N GLY C 106 17.03 12.09 -27.22
CA GLY C 106 17.90 11.13 -26.55
C GLY C 106 17.29 10.27 -25.46
N SER C 107 17.77 9.01 -25.34
CA SER C 107 17.30 8.05 -24.33
C SER C 107 18.46 7.23 -23.72
N ASP C 108 18.17 6.55 -22.60
CA ASP C 108 19.10 5.67 -21.90
C ASP C 108 18.35 4.39 -21.57
N ASP C 109 18.65 3.31 -22.31
CA ASP C 109 18.04 1.98 -22.18
C ASP C 109 18.21 1.39 -20.76
N GLN C 110 19.42 1.55 -20.17
CA GLN C 110 19.77 1.04 -18.83
C GLN C 110 18.95 1.68 -17.71
N SER C 111 18.70 2.99 -17.78
CA SER C 111 17.90 3.67 -16.75
C SER C 111 16.44 3.81 -17.17
N ASP C 112 16.13 3.50 -18.46
CA ASP C 112 14.79 3.58 -19.04
C ASP C 112 14.28 5.04 -19.04
N ILE C 113 15.20 6.02 -19.21
CA ILE C 113 14.83 7.44 -19.26
C ILE C 113 14.87 7.94 -20.73
N ALA C 114 14.02 8.93 -21.06
CA ALA C 114 13.95 9.55 -22.38
C ALA C 114 13.58 11.02 -22.26
N LEU C 115 14.31 11.86 -23.01
CA LEU C 115 14.09 13.30 -23.03
C LEU C 115 13.40 13.70 -24.31
N LEU C 116 12.36 14.53 -24.15
CA LEU C 116 11.60 15.04 -25.28
C LEU C 116 11.54 16.54 -25.23
N GLN C 117 11.55 17.19 -26.40
CA GLN C 117 11.40 18.63 -26.47
C GLN C 117 10.11 18.96 -27.19
N ILE C 118 9.27 19.78 -26.54
CA ILE C 118 7.98 20.26 -27.07
C ILE C 118 8.23 21.27 -28.19
N GLN C 119 7.65 20.98 -29.37
CA GLN C 119 7.70 21.84 -30.55
C GLN C 119 6.74 22.99 -30.34
N ASN C 120 7.26 24.20 -30.48
CA ASN C 120 6.60 25.49 -30.29
C ASN C 120 5.91 25.55 -28.90
N PRO C 121 6.68 25.65 -27.78
CA PRO C 121 6.02 25.66 -26.46
C PRO C 121 5.42 27.01 -26.08
N SER C 122 4.43 27.01 -25.19
CA SER C 122 3.74 28.21 -24.69
C SER C 122 2.93 27.88 -23.43
N LYS C 123 2.90 28.81 -22.45
CA LYS C 123 2.14 28.75 -21.19
C LYS C 123 2.31 27.40 -20.49
N LEU C 124 3.57 26.95 -20.31
CA LEU C 124 3.87 25.67 -19.69
C LEU C 124 4.24 25.84 -18.25
N THR C 125 3.74 24.93 -17.40
CA THR C 125 4.05 24.90 -15.97
C THR C 125 5.05 23.76 -15.77
N GLN C 126 6.20 24.07 -15.19
CA GLN C 126 7.25 23.09 -14.89
C GLN C 126 7.15 22.67 -13.43
N ILE C 127 7.69 21.49 -13.12
CA ILE C 127 7.67 20.98 -11.76
C ILE C 127 8.88 21.52 -10.99
N ALA C 128 8.74 21.69 -9.66
CA ALA C 128 9.85 22.04 -8.79
C ALA C 128 10.61 20.75 -8.55
N ILE C 129 11.95 20.79 -8.52
CA ILE C 129 12.76 19.58 -8.36
C ILE C 129 13.49 19.64 -7.01
N ALA C 130 13.50 18.51 -6.29
CA ALA C 130 14.11 18.38 -4.98
C ALA C 130 15.44 17.60 -5.08
N ASP C 131 16.32 17.79 -4.08
CA ASP C 131 17.60 17.10 -4.01
C ASP C 131 17.38 15.69 -3.48
N SER C 132 17.43 14.69 -4.38
CA SER C 132 17.21 13.28 -4.09
C SER C 132 18.29 12.67 -3.17
N ASP C 133 19.42 13.37 -2.97
CA ASP C 133 20.50 12.93 -2.07
C ASP C 133 20.04 13.07 -0.62
N LYS C 134 19.11 14.00 -0.36
CA LYS C 134 18.55 14.27 0.98
C LYS C 134 17.41 13.29 1.36
N LEU C 135 17.09 12.32 0.46
CA LEU C 135 16.04 11.34 0.71
C LEU C 135 16.49 10.32 1.76
N ARG C 136 15.55 9.93 2.61
CA ARG C 136 15.73 8.94 3.68
C ARG C 136 14.63 7.91 3.60
N VAL C 137 14.95 6.63 3.88
CA VAL C 137 13.98 5.54 3.91
C VAL C 137 12.98 5.91 5.00
N GLY C 138 11.69 5.92 4.64
CA GLY C 138 10.61 6.34 5.54
C GLY C 138 9.95 7.62 5.12
N ASP C 139 10.59 8.42 4.24
CA ASP C 139 10.01 9.66 3.69
C ASP C 139 8.81 9.32 2.85
N PHE C 140 7.75 10.13 2.92
CA PHE C 140 6.54 9.87 2.16
C PHE C 140 6.70 10.21 0.68
N ALA C 141 6.15 9.34 -0.19
CA ALA C 141 6.21 9.48 -1.65
C ALA C 141 4.83 9.28 -2.26
N VAL C 142 4.51 10.09 -3.29
CA VAL C 142 3.26 10.07 -4.03
C VAL C 142 3.61 9.91 -5.53
N ALA C 143 3.11 8.85 -6.20
CA ALA C 143 3.43 8.61 -7.62
C ALA C 143 2.28 9.08 -8.52
N VAL C 144 2.49 10.17 -9.29
CA VAL C 144 1.42 10.76 -10.10
C VAL C 144 1.60 10.51 -11.61
N GLY C 145 0.47 10.36 -12.25
CA GLY C 145 0.40 10.15 -13.69
C GLY C 145 -0.80 10.84 -14.30
N ASN C 146 -0.84 10.85 -15.63
CA ASN C 146 -1.95 11.36 -16.42
C ASN C 146 -1.91 10.70 -17.78
N PRO C 147 -2.10 9.36 -17.89
CA PRO C 147 -2.12 8.74 -19.23
C PRO C 147 -3.47 8.99 -19.90
N PHE C 148 -3.55 8.83 -21.22
CA PHE C 148 -4.80 9.06 -22.01
C PHE C 148 -5.29 10.53 -21.96
N GLY C 149 -4.81 11.31 -21.00
CA GLY C 149 -5.17 12.71 -20.83
C GLY C 149 -6.50 12.98 -20.13
N LEU C 150 -7.20 11.90 -19.72
CA LEU C 150 -8.54 11.92 -19.07
C LEU C 150 -8.54 12.42 -17.62
N GLY C 151 -7.39 12.45 -16.97
CA GLY C 151 -7.27 12.87 -15.59
C GLY C 151 -6.09 12.25 -14.85
N GLN C 152 -5.80 12.83 -13.69
CA GLN C 152 -4.70 12.48 -12.80
C GLN C 152 -4.89 11.11 -12.12
N THR C 153 -3.79 10.33 -12.02
CA THR C 153 -3.71 9.05 -11.33
C THR C 153 -2.67 9.19 -10.27
N ALA C 154 -2.97 8.79 -9.04
CA ALA C 154 -1.99 8.91 -7.97
C ALA C 154 -1.94 7.67 -7.08
N THR C 155 -0.72 7.30 -6.62
CA THR C 155 -0.49 6.24 -5.63
C THR C 155 0.31 6.85 -4.48
N SER C 156 0.13 6.30 -3.26
CA SER C 156 0.82 6.80 -2.07
C SER C 156 1.63 5.72 -1.37
N GLY C 157 2.70 6.16 -0.69
CA GLY C 157 3.56 5.26 0.04
C GLY C 157 4.73 5.97 0.66
N ILE C 158 5.81 5.23 0.85
CA ILE C 158 7.06 5.72 1.44
C ILE C 158 8.24 5.34 0.57
N VAL C 159 9.39 6.00 0.80
CA VAL C 159 10.68 5.66 0.19
C VAL C 159 11.07 4.38 0.95
N SER C 160 11.12 3.25 0.25
CA SER C 160 11.35 1.93 0.84
C SER C 160 12.83 1.58 0.97
N ALA C 161 13.64 1.81 -0.10
CA ALA C 161 15.07 1.54 -0.13
C ALA C 161 15.77 2.49 -1.08
N LEU C 162 17.07 2.75 -0.84
CA LEU C 162 17.90 3.63 -1.68
C LEU C 162 19.08 2.86 -2.23
N GLY C 163 19.16 2.81 -3.56
CA GLY C 163 20.24 2.14 -4.27
C GLY C 163 20.13 0.64 -4.37
N ARG C 164 21.19 -0.08 -3.93
CA ARG C 164 21.29 -1.55 -3.98
C ARG C 164 20.79 -2.22 -2.70
N SER C 165 20.32 -1.42 -1.72
CA SER C 165 19.82 -1.85 -0.40
C SER C 165 18.70 -2.91 -0.46
N GLY C 166 17.73 -2.73 -1.37
CA GLY C 166 16.61 -3.64 -1.51
C GLY C 166 16.81 -4.79 -2.48
N LEU C 167 17.62 -4.55 -3.53
CA LEU C 167 17.97 -5.51 -4.57
C LEU C 167 19.44 -5.31 -4.95
N ASN C 168 20.30 -6.30 -4.61
CA ASN C 168 21.74 -6.27 -4.82
C ASN C 168 22.19 -6.56 -6.29
N LEU C 169 21.27 -6.48 -7.26
CA LEU C 169 21.56 -6.69 -8.69
C LEU C 169 22.46 -5.56 -9.19
N GLU C 170 23.55 -5.91 -9.92
CA GLU C 170 24.49 -4.94 -10.47
C GLU C 170 23.77 -4.06 -11.48
N GLY C 171 23.85 -2.75 -11.26
CA GLY C 171 23.16 -1.75 -12.08
C GLY C 171 22.04 -1.05 -11.34
N LEU C 172 21.51 -1.70 -10.29
CA LEU C 172 20.42 -1.18 -9.48
C LEU C 172 20.85 -0.03 -8.55
N GLU C 173 22.14 0.33 -8.54
CA GLU C 173 22.67 1.41 -7.71
C GLU C 173 22.03 2.75 -8.11
N ASN C 174 21.88 3.64 -7.11
CA ASN C 174 21.24 4.95 -7.17
C ASN C 174 19.69 4.79 -7.13
N PHE C 175 19.08 3.94 -8.01
CA PHE C 175 17.63 3.66 -8.11
C PHE C 175 16.92 3.68 -6.77
N ILE C 176 15.84 4.47 -6.68
CA ILE C 176 14.99 4.56 -5.49
C ILE C 176 13.90 3.48 -5.58
N GLN C 177 13.58 2.92 -4.43
CA GLN C 177 12.52 1.94 -4.19
C GLN C 177 11.40 2.59 -3.40
N THR C 178 10.17 2.22 -3.71
CA THR C 178 8.97 2.77 -3.08
C THR C 178 7.91 1.68 -2.97
N ASP C 179 7.05 1.76 -1.93
CA ASP C 179 5.96 0.79 -1.73
C ASP C 179 4.66 1.38 -2.33
N ALA C 180 4.77 2.59 -2.92
CA ALA C 180 3.72 3.26 -3.69
C ALA C 180 3.66 2.55 -4.99
N SER C 181 2.47 2.08 -5.39
CA SER C 181 2.29 1.28 -6.61
C SER C 181 2.72 2.01 -7.88
N ILE C 182 3.64 1.37 -8.62
CA ILE C 182 4.17 1.86 -9.89
C ILE C 182 3.61 0.91 -10.94
N ASN C 183 2.69 1.42 -11.76
CA ASN C 183 2.02 0.65 -12.79
C ASN C 183 2.01 1.46 -14.10
N ARG C 184 1.42 0.89 -15.18
CA ARG C 184 1.32 1.49 -16.50
C ARG C 184 0.66 2.87 -16.49
N GLY C 185 -0.13 3.15 -15.44
CA GLY C 185 -0.87 4.41 -15.27
C GLY C 185 -0.09 5.58 -14.70
N ASN C 186 1.13 5.35 -14.17
CA ASN C 186 1.92 6.47 -13.64
C ASN C 186 3.39 6.37 -14.09
N SER C 187 3.73 5.28 -14.83
CA SER C 187 5.05 5.02 -15.39
C SER C 187 5.41 6.13 -16.40
N GLY C 188 6.49 6.84 -16.11
CA GLY C 188 6.97 7.98 -16.89
C GLY C 188 6.70 9.28 -16.16
N GLY C 189 5.72 9.21 -15.26
CA GLY C 189 5.29 10.32 -14.43
C GLY C 189 6.23 10.63 -13.29
N ALA C 190 5.74 11.47 -12.39
CA ALA C 190 6.49 11.97 -11.26
C ALA C 190 6.29 11.21 -9.97
N LEU C 191 7.39 11.04 -9.22
CA LEU C 191 7.39 10.54 -7.86
C LEU C 191 7.62 11.80 -7.05
N LEU C 192 6.72 12.14 -6.11
CA LEU C 192 6.81 13.42 -5.39
C LEU C 192 6.85 13.31 -3.89
N ASN C 193 7.40 14.37 -3.25
CA ASN C 193 7.36 14.44 -1.80
C ASN C 193 6.06 15.15 -1.43
N LEU C 194 5.83 15.43 -0.13
CA LEU C 194 4.61 16.07 0.36
C LEU C 194 4.56 17.56 -0.02
N ASN C 195 5.66 18.14 -0.56
CA ASN C 195 5.72 19.55 -1.00
C ASN C 195 5.34 19.67 -2.48
N GLY C 196 5.33 18.54 -3.19
CA GLY C 196 4.98 18.47 -4.60
C GLY C 196 6.18 18.65 -5.50
N GLU C 197 7.38 18.43 -4.95
CA GLU C 197 8.66 18.55 -5.64
C GLU C 197 9.10 17.19 -6.12
N LEU C 198 9.67 17.13 -7.33
CA LEU C 198 10.11 15.90 -7.97
C LEU C 198 11.31 15.28 -7.21
N ILE C 199 11.15 14.01 -6.80
CA ILE C 199 12.19 13.23 -6.16
C ILE C 199 12.62 12.14 -7.14
N GLY C 200 11.71 11.73 -8.01
CA GLY C 200 11.98 10.71 -9.02
C GLY C 200 11.01 10.66 -10.20
N ILE C 201 11.38 9.88 -11.22
CA ILE C 201 10.65 9.56 -12.47
C ILE C 201 10.24 8.09 -12.33
N ASN C 202 8.94 7.80 -12.34
CA ASN C 202 8.40 6.44 -12.16
C ASN C 202 8.75 5.52 -13.31
N THR C 203 9.33 4.34 -13.01
CA THR C 203 9.63 3.33 -14.01
C THR C 203 8.94 1.99 -13.63
N ALA C 204 8.04 1.49 -14.51
CA ALA C 204 7.34 0.22 -14.25
C ALA C 204 8.15 -0.94 -14.83
N ILE C 205 9.39 -1.08 -14.32
CA ILE C 205 10.36 -2.15 -14.58
C ILE C 205 10.90 -2.62 -13.22
N LEU C 206 11.53 -3.81 -13.18
CA LEU C 206 12.11 -4.39 -11.96
C LEU C 206 13.57 -4.75 -12.16
N SER C 212 11.54 -7.38 -5.77
CA SER C 212 10.42 -8.20 -5.29
C SER C 212 9.07 -7.50 -5.51
N VAL C 213 7.95 -8.24 -5.33
CA VAL C 213 6.60 -7.73 -5.52
C VAL C 213 6.24 -6.77 -4.35
N GLY C 214 5.33 -5.83 -4.62
CA GLY C 214 4.90 -4.81 -3.66
C GLY C 214 5.75 -3.57 -3.64
N ILE C 215 6.95 -3.63 -4.27
CA ILE C 215 7.91 -2.53 -4.32
C ILE C 215 8.07 -2.02 -5.76
N GLY C 216 8.12 -0.70 -5.89
CA GLY C 216 8.29 -0.01 -7.16
C GLY C 216 9.59 0.74 -7.26
N PHE C 217 10.10 0.88 -8.50
CA PHE C 217 11.37 1.52 -8.82
C PHE C 217 11.20 2.87 -9.51
N ALA C 218 12.00 3.83 -9.12
CA ALA C 218 12.01 5.13 -9.77
C ALA C 218 13.45 5.64 -9.91
N ILE C 219 13.71 6.45 -10.97
CA ILE C 219 15.03 7.07 -11.18
C ILE C 219 15.05 8.29 -10.27
N PRO C 220 16.07 8.48 -9.40
CA PRO C 220 16.08 9.69 -8.53
C PRO C 220 16.21 10.98 -9.34
N SER C 221 15.74 12.13 -8.79
CA SER C 221 15.72 13.40 -9.52
C SER C 221 17.13 13.92 -9.92
N ASN C 222 18.14 13.75 -9.03
CA ASN C 222 19.51 14.17 -9.30
C ASN C 222 20.09 13.43 -10.49
N MET C 223 19.85 12.10 -10.55
CA MET C 223 20.30 11.18 -11.58
C MET C 223 19.60 11.47 -12.94
N ALA C 224 18.29 11.78 -12.92
CA ALA C 224 17.56 12.05 -14.16
C ALA C 224 17.89 13.44 -14.69
N ARG C 225 18.18 14.42 -13.78
CA ARG C 225 18.55 15.78 -14.17
C ARG C 225 19.95 15.77 -14.85
N THR C 226 20.90 15.00 -14.26
CA THR C 226 22.29 14.83 -14.71
C THR C 226 22.39 13.88 -15.94
N LEU C 227 21.30 13.17 -16.28
CA LEU C 227 21.23 12.34 -17.49
C LEU C 227 20.65 13.18 -18.62
N ALA C 228 19.74 14.13 -18.27
CA ALA C 228 19.09 15.04 -19.19
C ALA C 228 20.12 16.02 -19.77
N GLN C 229 21.06 16.48 -18.91
CA GLN C 229 22.19 17.38 -19.26
C GLN C 229 23.09 16.72 -20.30
N GLN C 230 23.37 15.42 -20.09
CA GLN C 230 24.23 14.64 -20.98
C GLN C 230 23.54 14.41 -22.34
N LEU C 231 22.20 14.21 -22.32
CA LEU C 231 21.40 13.99 -23.53
C LEU C 231 21.21 15.29 -24.30
N ILE C 232 21.14 16.44 -23.60
CA ILE C 232 20.97 17.77 -24.22
C ILE C 232 22.19 18.07 -25.11
N ASP C 233 23.42 17.84 -24.60
CA ASP C 233 24.64 18.10 -25.39
C ASP C 233 24.85 17.00 -26.44
N PHE C 234 25.06 15.73 -26.03
CA PHE C 234 25.23 14.67 -27.01
C PHE C 234 24.45 13.38 -26.64
#